data_3T33
#
_entry.id   3T33
#
_cell.length_a   100.849
_cell.length_b   119.507
_cell.length_c   77.239
_cell.angle_alpha   90.000
_cell.angle_beta   90.000
_cell.angle_gamma   90.000
#
_symmetry.space_group_name_H-M   'C 2 2 21'
#
loop_
_entity.id
_entity.type
_entity.pdbx_description
1 polymer 'G protein coupled receptor'
2 non-polymer 'ZINC ION'
3 non-polymer 'ACETATE ION'
4 water water
#
_entity_poly.entity_id   1
_entity_poly.type   'polypeptide(L)'
_entity_poly.pdbx_seq_one_letter_code
;GPLGSMGERFFRNEMPEFVPEDLSGEEETVTECKDSLTKLLSLPYKSFSEKLHRYALSIKDKVVWETWERSGKRVRDYNL
YTGVLGTAYLLFKSYQVTRNEDDLKLCLENVEACDVASRDSERVTFICGYAGVCALGAVAAKCLGDDQLYDRYLARFRGI
RLPSDLPYELLYGRAGYLWACLFLNKHIGQESISSERMRSVVEEIFRAGRQLGNKGTCPLMYEWHGKRYWGAAHGLAGIM
NVLMHTELEPDEIKDVKGTLSYMIQNRFPSGNYLSSEGSKSDRLVHWCHGAPGVALTLVKAAQVYNTKEFVEAAMEAGEV
VWSRGLLKRVGICHGISGNTYVFLSLYRLTRNPKYLYRAKAFASFLLDKSEKLISEGQMHGGDRPFSLFEGIGGMAYMLL
DMNDPTQALFPGYEL
;
_entity_poly.pdbx_strand_id   A
#
# COMPACT_ATOMS: atom_id res chain seq x y z
N ARG A 9 17.39 8.10 -5.20
CA ARG A 9 18.16 7.36 -6.26
C ARG A 9 17.51 6.03 -6.66
N PHE A 10 17.62 5.75 -7.97
CA PHE A 10 16.99 4.65 -8.64
C PHE A 10 17.99 4.02 -9.55
N PHE A 11 17.84 2.72 -9.77
CA PHE A 11 18.41 2.05 -10.94
C PHE A 11 17.76 2.57 -12.18
N ARG A 12 18.58 2.85 -13.19
CA ARG A 12 18.03 3.25 -14.50
C ARG A 12 17.14 2.12 -15.04
N ASN A 13 15.95 2.48 -15.45
CA ASN A 13 15.05 1.51 -16.06
C ASN A 13 15.30 1.37 -17.55
N GLU A 14 16.10 0.38 -17.94
CA GLU A 14 16.38 0.11 -19.35
C GLU A 14 15.62 -1.15 -19.80
N MET A 15 14.80 -1.72 -18.93
CA MET A 15 13.92 -2.81 -19.34
C MET A 15 13.06 -2.43 -20.57
N PRO A 16 12.82 -3.42 -21.43
CA PRO A 16 12.07 -3.24 -22.68
C PRO A 16 10.63 -2.83 -22.45
N GLU A 17 10.19 -1.84 -23.22
CA GLU A 17 8.80 -1.40 -23.20
C GLU A 17 7.89 -2.55 -23.61
N PHE A 18 6.66 -2.48 -23.12
CA PHE A 18 5.68 -3.42 -23.55
C PHE A 18 5.43 -3.36 -25.08
N VAL A 19 5.40 -4.54 -25.71
CA VAL A 19 5.04 -4.69 -27.16
C VAL A 19 3.61 -5.30 -27.33
N PRO A 20 2.62 -4.48 -27.76
CA PRO A 20 1.22 -4.94 -27.92
C PRO A 20 1.09 -5.90 -29.09
N GLU A 21 1.82 -5.60 -30.18
CA GLU A 21 1.84 -6.40 -31.42
C GLU A 21 2.09 -7.88 -31.14
N ASP A 22 1.29 -8.71 -31.78
CA ASP A 22 1.45 -10.15 -31.75
C ASP A 22 2.56 -10.59 -32.72
N LEU A 23 3.69 -11.05 -32.18
CA LEU A 23 4.80 -11.49 -33.01
C LEU A 23 5.01 -12.99 -32.92
N SER A 24 5.84 -13.54 -33.79
CA SER A 24 6.12 -14.96 -33.81
C SER A 24 4.91 -15.76 -34.27
N GLY A 25 4.40 -15.43 -35.45
CA GLY A 25 4.97 -14.36 -36.26
C GLY A 25 6.43 -14.11 -35.94
N GLU A 26 7.21 -15.18 -35.85
CA GLU A 26 8.64 -15.09 -35.56
C GLU A 26 9.33 -14.14 -36.52
N GLU A 27 10.65 -14.27 -36.62
CA GLU A 27 11.39 -15.26 -35.85
C GLU A 27 12.21 -14.61 -34.75
N GLU A 28 12.26 -15.26 -33.59
CA GLU A 28 13.01 -14.74 -32.45
C GLU A 28 14.29 -14.07 -32.95
N THR A 29 14.45 -12.79 -32.63
CA THR A 29 15.61 -12.08 -33.14
C THR A 29 16.88 -12.48 -32.42
N VAL A 30 17.81 -12.97 -33.24
CA VAL A 30 18.99 -13.67 -32.78
C VAL A 30 19.93 -12.72 -32.00
N THR A 31 20.15 -11.52 -32.53
CA THR A 31 21.04 -10.55 -31.87
C THR A 31 20.46 -9.89 -30.60
N GLU A 32 19.18 -10.13 -30.33
CA GLU A 32 18.54 -9.53 -29.18
C GLU A 32 19.10 -10.19 -27.94
N CYS A 33 19.43 -9.37 -26.95
CA CYS A 33 20.09 -9.90 -25.76
C CYS A 33 19.06 -10.70 -24.93
N LYS A 34 19.40 -11.92 -24.53
CA LYS A 34 18.49 -12.75 -23.73
C LYS A 34 19.12 -13.29 -22.44
N ASP A 35 18.98 -12.54 -21.35
CA ASP A 35 19.45 -12.97 -20.03
C ASP A 35 18.35 -13.67 -19.24
N SER A 36 18.50 -13.75 -17.92
CA SER A 36 17.47 -14.40 -17.10
C SER A 36 16.28 -13.46 -16.87
N LEU A 37 16.58 -12.18 -16.68
CA LEU A 37 15.60 -11.13 -16.59
C LEU A 37 14.67 -11.02 -17.83
N THR A 38 15.23 -11.01 -19.04
CA THR A 38 14.43 -10.83 -20.24
C THR A 38 13.57 -12.05 -20.42
N LYS A 39 14.10 -13.22 -20.05
CA LYS A 39 13.31 -14.44 -20.20
C LYS A 39 12.09 -14.40 -19.28
N LEU A 40 12.27 -13.97 -18.03
CA LEU A 40 11.13 -13.72 -17.13
C LEU A 40 10.09 -12.79 -17.79
N LEU A 41 10.55 -11.69 -18.39
CA LEU A 41 9.59 -10.72 -18.90
C LEU A 41 8.75 -11.28 -20.04
N SER A 42 9.32 -12.17 -20.84
CA SER A 42 8.66 -12.79 -22.01
CA SER A 42 8.60 -12.74 -22.00
C SER A 42 7.63 -13.84 -21.58
N LEU A 43 7.87 -14.46 -20.43
CA LEU A 43 7.03 -15.51 -19.86
C LEU A 43 5.51 -15.19 -19.94
N PRO A 44 4.69 -16.18 -20.39
CA PRO A 44 3.27 -15.94 -20.30
C PRO A 44 2.81 -15.91 -18.79
N TYR A 45 1.78 -15.14 -18.53
CA TYR A 45 1.40 -14.80 -17.19
C TYR A 45 1.16 -16.00 -16.27
N LYS A 46 0.52 -17.03 -16.79
CA LYS A 46 0.19 -18.21 -16.02
C LYS A 46 1.41 -18.78 -15.34
N SER A 47 2.48 -19.09 -16.08
CA SER A 47 3.70 -19.59 -15.46
C SER A 47 4.59 -18.52 -14.78
N PHE A 48 4.51 -17.29 -15.26
CA PHE A 48 5.21 -16.21 -14.58
C PHE A 48 4.65 -16.08 -13.15
N SER A 49 3.33 -16.01 -13.02
CA SER A 49 2.71 -15.86 -11.68
C SER A 49 2.94 -17.10 -10.80
N GLU A 50 2.92 -18.29 -11.38
CA GLU A 50 3.33 -19.46 -10.64
C GLU A 50 4.79 -19.37 -10.12
N LYS A 51 5.70 -18.92 -10.96
CA LYS A 51 7.05 -18.72 -10.51
C LYS A 51 7.14 -17.72 -9.35
N LEU A 52 6.43 -16.58 -9.45
CA LEU A 52 6.54 -15.57 -8.38
C LEU A 52 5.92 -16.10 -7.10
N HIS A 53 4.87 -16.88 -7.26
CA HIS A 53 4.22 -17.52 -6.16
C HIS A 53 5.18 -18.44 -5.37
N ARG A 54 5.97 -19.26 -6.07
CA ARG A 54 6.92 -20.16 -5.40
C ARG A 54 7.98 -19.39 -4.67
N TYR A 55 8.48 -18.33 -5.30
CA TYR A 55 9.43 -17.41 -4.68
C TYR A 55 8.83 -16.76 -3.43
N ALA A 56 7.59 -16.30 -3.54
CA ALA A 56 6.98 -15.60 -2.44
C ALA A 56 6.85 -16.58 -1.26
N LEU A 57 6.55 -17.86 -1.54
CA LEU A 57 6.48 -18.85 -0.45
C LEU A 57 7.81 -18.96 0.27
N SER A 58 8.91 -18.99 -0.45
CA SER A 58 10.17 -19.01 0.26
C SER A 58 10.37 -17.76 1.04
N ILE A 59 10.10 -16.56 0.49
CA ILE A 59 10.22 -15.32 1.33
C ILE A 59 9.31 -15.43 2.59
N LYS A 60 8.03 -15.71 2.36
CA LYS A 60 7.07 -15.85 3.45
C LYS A 60 7.63 -16.75 4.55
N ASP A 61 8.14 -17.91 4.16
CA ASP A 61 8.71 -18.86 5.12
C ASP A 61 9.87 -18.23 5.88
N LYS A 62 10.75 -17.57 5.15
CA LYS A 62 11.91 -16.91 5.76
C LYS A 62 11.46 -15.86 6.78
N VAL A 63 10.44 -15.08 6.42
CA VAL A 63 9.91 -14.06 7.29
C VAL A 63 9.28 -14.65 8.58
N VAL A 64 8.48 -15.72 8.43
CA VAL A 64 7.95 -16.48 9.57
C VAL A 64 9.07 -17.05 10.43
N TRP A 65 10.14 -17.57 9.81
CA TRP A 65 11.28 -18.05 10.59
C TRP A 65 11.83 -16.98 11.54
N GLU A 66 12.11 -15.79 11.00
CA GLU A 66 12.86 -14.75 11.68
C GLU A 66 12.03 -13.98 12.67
N THR A 67 10.76 -13.74 12.37
CA THR A 67 9.99 -12.82 13.17
C THR A 67 9.21 -13.57 14.22
N TRP A 68 9.09 -14.88 14.05
CA TRP A 68 8.28 -15.68 14.96
C TRP A 68 9.07 -16.77 15.68
N GLU A 69 9.70 -17.66 14.91
CA GLU A 69 10.41 -18.82 15.49
C GLU A 69 11.75 -18.47 16.13
N ARG A 70 12.66 -17.87 15.38
CA ARG A 70 13.93 -17.43 15.93
C ARG A 70 13.72 -16.63 17.26
N SER A 71 12.82 -15.64 17.22
CA SER A 71 12.61 -14.71 18.30
C SER A 71 11.89 -15.40 19.47
N GLY A 72 11.63 -16.71 19.35
CA GLY A 72 10.94 -17.51 20.35
C GLY A 72 9.53 -17.03 20.64
N LYS A 73 8.83 -16.57 19.59
CA LYS A 73 7.44 -16.03 19.65
C LYS A 73 7.21 -14.82 20.59
N ARG A 74 8.28 -14.10 20.87
CA ARG A 74 8.23 -12.93 21.77
C ARG A 74 7.97 -11.68 20.95
N VAL A 75 7.04 -10.83 21.43
CA VAL A 75 6.69 -9.64 20.65
C VAL A 75 7.08 -8.31 21.29
N ARG A 76 8.01 -7.65 20.67
CA ARG A 76 8.28 -6.29 21.04
C ARG A 76 7.58 -5.21 20.15
N ASP A 77 7.82 -5.26 18.85
CA ASP A 77 7.21 -4.31 17.96
C ASP A 77 5.71 -4.46 17.87
N TYR A 78 5.17 -5.43 17.22
CA TYR A 78 3.70 -5.49 17.23
C TYR A 78 2.94 -4.90 16.07
N ASN A 79 3.26 -3.69 15.64
CA ASN A 79 2.50 -3.07 14.58
C ASN A 79 2.66 -3.65 13.18
N LEU A 80 1.86 -3.16 12.24
CA LEU A 80 1.86 -3.76 10.88
C LEU A 80 3.12 -3.38 10.14
N TYR A 81 3.54 -2.15 10.41
CA TYR A 81 4.55 -1.39 9.66
C TYR A 81 5.90 -2.04 9.78
N THR A 82 6.35 -2.29 11.02
CA THR A 82 7.61 -2.99 11.22
C THR A 82 7.51 -4.22 12.15
N GLY A 83 6.39 -4.37 12.83
CA GLY A 83 6.32 -5.42 13.85
C GLY A 83 5.66 -6.69 13.38
N VAL A 84 5.13 -7.43 14.34
CA VAL A 84 4.76 -8.78 14.09
C VAL A 84 3.42 -8.89 13.37
N LEU A 85 2.62 -7.84 13.46
CA LEU A 85 1.39 -7.80 12.73
C LEU A 85 1.64 -7.82 11.20
N GLY A 86 2.73 -7.22 10.75
CA GLY A 86 3.19 -7.34 9.36
C GLY A 86 3.28 -8.79 8.93
N THR A 87 3.74 -9.64 9.82
CA THR A 87 3.85 -11.06 9.53
C THR A 87 2.49 -11.71 9.49
N ALA A 88 1.63 -11.41 10.47
CA ALA A 88 0.29 -11.94 10.43
C ALA A 88 -0.43 -11.55 9.13
N TYR A 89 -0.25 -10.31 8.70
CA TYR A 89 -0.93 -9.85 7.50
C TYR A 89 -0.45 -10.57 6.26
N LEU A 90 0.84 -10.79 6.21
CA LEU A 90 1.44 -11.54 5.09
C LEU A 90 0.84 -12.96 5.06
N LEU A 91 0.63 -13.54 6.26
CA LEU A 91 0.06 -14.88 6.42
C LEU A 91 -1.37 -14.90 6.02
N PHE A 92 -2.08 -13.84 6.42
CA PHE A 92 -3.44 -13.63 5.93
C PHE A 92 -3.54 -13.53 4.36
N LYS A 93 -2.70 -12.73 3.73
CA LYS A 93 -2.68 -12.60 2.29
C LYS A 93 -2.38 -13.97 1.63
N SER A 94 -1.51 -14.73 2.26
CA SER A 94 -1.17 -16.05 1.78
C SER A 94 -2.33 -17.00 1.92
N TYR A 95 -3.02 -16.91 3.03
CA TYR A 95 -4.21 -17.67 3.14
C TYR A 95 -5.21 -17.26 2.02
N GLN A 96 -5.36 -15.96 1.75
CA GLN A 96 -6.38 -15.49 0.81
C GLN A 96 -6.08 -16.08 -0.59
N VAL A 97 -4.78 -16.28 -0.87
CA VAL A 97 -4.32 -16.73 -2.17
C VAL A 97 -4.34 -18.28 -2.24
N THR A 98 -3.86 -18.95 -1.19
CA THR A 98 -3.61 -20.37 -1.25
C THR A 98 -4.77 -21.12 -0.61
N ARG A 99 -5.56 -20.45 0.21
CA ARG A 99 -6.50 -21.11 1.13
C ARG A 99 -5.87 -22.14 2.08
N ASN A 100 -4.56 -22.07 2.31
CA ASN A 100 -3.89 -22.86 3.38
C ASN A 100 -4.38 -22.40 4.80
N GLU A 101 -5.19 -23.22 5.47
CA GLU A 101 -5.79 -22.86 6.76
C GLU A 101 -4.72 -22.79 7.81
N ASP A 102 -3.56 -23.40 7.58
CA ASP A 102 -2.47 -23.22 8.55
C ASP A 102 -1.93 -21.79 8.55
N ASP A 103 -2.01 -21.14 7.38
CA ASP A 103 -1.61 -19.72 7.23
C ASP A 103 -2.57 -18.86 8.12
N LEU A 104 -3.86 -19.13 8.06
CA LEU A 104 -4.85 -18.38 8.84
C LEU A 104 -4.68 -18.59 10.34
N LYS A 105 -4.44 -19.83 10.76
CA LYS A 105 -4.21 -20.14 12.17
C LYS A 105 -2.99 -19.43 12.66
N LEU A 106 -1.93 -19.48 11.88
CA LEU A 106 -0.70 -18.93 12.38
C LEU A 106 -0.92 -17.42 12.52
N CYS A 107 -1.57 -16.84 11.49
CA CYS A 107 -2.06 -15.47 11.47
C CYS A 107 -2.62 -15.10 12.84
N LEU A 108 -3.66 -15.82 13.24
CA LEU A 108 -4.34 -15.55 14.50
C LEU A 108 -3.49 -15.71 15.73
N GLU A 109 -2.54 -16.63 15.68
CA GLU A 109 -1.60 -16.73 16.78
C GLU A 109 -0.72 -15.49 16.83
N ASN A 110 -0.26 -15.00 15.67
CA ASN A 110 0.53 -13.77 15.65
C ASN A 110 -0.26 -12.57 16.18
N VAL A 111 -1.56 -12.50 15.82
CA VAL A 111 -2.44 -11.37 16.16
C VAL A 111 -2.59 -11.29 17.69
N GLU A 112 -3.00 -12.44 18.26
CA GLU A 112 -3.11 -12.61 19.69
C GLU A 112 -1.87 -12.16 20.45
N ALA A 113 -0.67 -12.60 20.03
CA ALA A 113 0.57 -12.04 20.61
C ALA A 113 0.70 -10.53 20.43
N CYS A 114 0.19 -9.99 19.34
CA CYS A 114 0.36 -8.57 19.09
C CYS A 114 -0.58 -7.82 20.02
N ASP A 115 -1.74 -8.43 20.28
CA ASP A 115 -2.73 -7.86 21.13
C ASP A 115 -2.20 -7.66 22.55
N VAL A 116 -1.72 -8.77 23.15
CA VAL A 116 -0.99 -8.79 24.43
C VAL A 116 0.08 -7.68 24.49
N ALA A 117 0.95 -7.63 23.48
CA ALA A 117 2.01 -6.64 23.45
C ALA A 117 1.53 -5.18 23.21
N SER A 118 0.29 -5.00 22.74
CA SER A 118 -0.17 -3.65 22.41
C SER A 118 -1.13 -2.97 23.41
N ARG A 119 -1.43 -3.67 24.51
CA ARG A 119 -2.15 -3.06 25.64
C ARG A 119 -1.20 -1.99 26.14
N ASP A 120 -1.76 -0.88 26.63
CA ASP A 120 -0.94 0.27 27.02
C ASP A 120 -0.53 1.14 25.82
N SER A 121 -0.76 0.66 24.60
CA SER A 121 -0.38 1.41 23.41
C SER A 121 -1.38 2.52 23.20
N GLU A 122 -0.85 3.66 22.81
CA GLU A 122 -1.71 4.78 22.41
C GLU A 122 -1.86 4.92 20.89
N ARG A 123 -1.16 4.07 20.10
CA ARG A 123 -1.27 4.08 18.63
C ARG A 123 -2.68 3.66 18.19
N VAL A 124 -3.26 4.41 17.29
CA VAL A 124 -4.64 4.21 16.97
C VAL A 124 -4.92 3.78 15.45
N THR A 125 -3.90 3.68 14.62
CA THR A 125 -4.14 3.44 13.17
C THR A 125 -3.98 1.95 12.71
N PHE A 126 -4.42 1.70 11.47
CA PHE A 126 -4.20 0.37 10.88
C PHE A 126 -2.73 0.00 10.78
N ILE A 127 -1.92 0.90 10.24
CA ILE A 127 -0.56 0.54 9.85
C ILE A 127 0.42 0.67 11.04
N CYS A 128 0.10 1.56 11.97
CA CYS A 128 1.03 1.81 13.07
C CYS A 128 0.52 1.51 14.47
N GLY A 129 -0.76 1.21 14.62
CA GLY A 129 -1.37 1.07 15.94
C GLY A 129 -2.30 -0.11 16.10
N TYR A 130 -3.17 0.04 17.06
CA TYR A 130 -3.89 -1.02 17.67
C TYR A 130 -5.15 -1.37 16.89
N ALA A 131 -5.71 -0.39 16.17
CA ALA A 131 -6.85 -0.65 15.25
C ALA A 131 -6.43 -1.67 14.19
N GLY A 132 -5.19 -1.60 13.73
CA GLY A 132 -4.64 -2.63 12.81
C GLY A 132 -4.75 -4.03 13.40
N VAL A 133 -4.28 -4.18 14.64
CA VAL A 133 -4.34 -5.48 15.39
C VAL A 133 -5.75 -6.01 15.54
N CYS A 134 -6.64 -5.13 15.98
CA CYS A 134 -8.01 -5.53 16.15
C CYS A 134 -8.72 -5.82 14.87
N ALA A 135 -8.45 -5.08 13.81
CA ALA A 135 -9.26 -5.26 12.61
C ALA A 135 -8.83 -6.55 11.92
N LEU A 136 -7.53 -6.85 11.91
CA LEU A 136 -7.08 -8.12 11.34
C LEU A 136 -7.57 -9.26 12.19
N GLY A 137 -7.48 -9.10 13.49
CA GLY A 137 -7.95 -10.16 14.39
C GLY A 137 -9.36 -10.53 14.03
N ALA A 138 -10.23 -9.51 13.94
CA ALA A 138 -11.65 -9.72 13.73
C ALA A 138 -11.94 -10.33 12.34
N VAL A 139 -11.16 -9.96 11.35
CA VAL A 139 -11.38 -10.45 9.98
C VAL A 139 -10.89 -11.89 9.90
N ALA A 140 -9.68 -12.14 10.41
CA ALA A 140 -9.12 -13.49 10.43
C ALA A 140 -10.02 -14.46 11.19
N ALA A 141 -10.60 -14.02 12.32
CA ALA A 141 -11.59 -14.83 13.08
C ALA A 141 -12.88 -15.12 12.35
N LYS A 142 -13.37 -14.13 11.62
CA LYS A 142 -14.52 -14.32 10.76
C LYS A 142 -14.18 -15.38 9.69
N CYS A 143 -12.99 -15.33 9.11
CA CYS A 143 -12.68 -16.32 8.05
C CYS A 143 -12.64 -17.72 8.65
N LEU A 144 -12.05 -17.83 9.85
CA LEU A 144 -11.92 -19.07 10.52
C LEU A 144 -13.25 -19.64 11.03
N GLY A 145 -14.26 -18.79 11.20
CA GLY A 145 -15.61 -19.20 11.60
C GLY A 145 -15.75 -19.20 13.10
N ASP A 146 -14.83 -18.51 13.78
CA ASP A 146 -14.83 -18.39 15.23
C ASP A 146 -15.51 -17.10 15.68
N ASP A 147 -16.83 -17.16 15.88
CA ASP A 147 -17.62 -16.00 16.30
C ASP A 147 -17.16 -15.40 17.62
N GLN A 148 -16.88 -16.19 18.64
CA GLN A 148 -16.48 -15.64 19.97
C GLN A 148 -15.16 -14.82 19.92
N LEU A 149 -14.17 -15.34 19.24
CA LEU A 149 -12.94 -14.61 18.98
C LEU A 149 -13.23 -13.32 18.20
N TYR A 150 -14.16 -13.38 17.28
CA TYR A 150 -14.52 -12.24 16.49
C TYR A 150 -15.05 -11.10 17.39
N ASP A 151 -15.99 -11.46 18.30
CA ASP A 151 -16.64 -10.48 19.18
C ASP A 151 -15.60 -9.86 20.04
N ARG A 152 -14.67 -10.68 20.46
CA ARG A 152 -13.67 -10.22 21.37
C ARG A 152 -12.77 -9.16 20.70
N TYR A 153 -12.34 -9.39 19.45
CA TYR A 153 -11.54 -8.34 18.77
C TYR A 153 -12.40 -7.12 18.38
N LEU A 154 -13.64 -7.40 18.02
CA LEU A 154 -14.60 -6.35 17.75
C LEU A 154 -14.86 -5.41 18.95
N ALA A 155 -14.97 -5.99 20.16
CA ALA A 155 -15.08 -5.22 21.43
C ALA A 155 -13.80 -4.40 21.69
N ARG A 156 -12.64 -4.97 21.41
CA ARG A 156 -11.42 -4.22 21.60
C ARG A 156 -11.36 -3.10 20.57
N PHE A 157 -11.85 -3.37 19.36
CA PHE A 157 -11.72 -2.35 18.36
C PHE A 157 -12.66 -1.17 18.79
N ARG A 158 -13.88 -1.50 19.16
CA ARG A 158 -14.89 -0.54 19.59
C ARG A 158 -14.55 0.24 20.88
N GLY A 159 -13.57 -0.24 21.65
CA GLY A 159 -13.06 0.49 22.84
C GLY A 159 -12.05 1.59 22.50
N ILE A 160 -11.58 1.61 21.26
CA ILE A 160 -10.62 2.65 20.88
C ILE A 160 -11.24 4.04 20.93
N ARG A 161 -10.50 4.99 21.50
CA ARG A 161 -10.94 6.38 21.53
C ARG A 161 -9.87 7.29 20.96
N LEU A 162 -10.29 8.39 20.34
CA LEU A 162 -9.33 9.29 19.71
C LEU A 162 -9.08 10.52 20.55
N PRO A 163 -7.85 10.70 21.08
CA PRO A 163 -7.56 11.99 21.78
C PRO A 163 -7.82 13.20 20.87
N SER A 164 -8.28 14.34 21.41
CA SER A 164 -8.49 15.55 20.58
C SER A 164 -7.16 16.05 19.99
N ASP A 165 -6.12 15.55 20.59
CA ASP A 165 -4.72 15.76 20.27
C ASP A 165 -4.22 15.13 18.91
N LEU A 166 -4.90 14.10 18.42
CA LEU A 166 -4.35 13.27 17.30
C LEU A 166 -4.10 14.06 16.04
N PRO A 167 -3.10 13.66 15.23
CA PRO A 167 -3.04 14.29 13.88
C PRO A 167 -4.10 13.77 12.89
N TYR A 168 -3.99 14.14 11.62
CA TYR A 168 -5.02 13.76 10.62
C TYR A 168 -4.57 12.71 9.59
N GLU A 169 -3.29 12.44 9.54
CA GLU A 169 -2.72 11.71 8.48
C GLU A 169 -2.87 10.16 8.68
N LEU A 170 -2.20 9.38 7.84
CA LEU A 170 -2.56 7.94 7.73
C LEU A 170 -1.80 7.14 8.71
N LEU A 171 -0.54 7.45 8.92
CA LEU A 171 0.25 6.61 9.82
C LEU A 171 -0.09 6.76 11.31
N TYR A 172 -0.48 7.97 11.74
CA TYR A 172 -0.70 8.26 13.21
C TYR A 172 -2.04 8.92 13.55
N GLY A 173 -2.71 9.43 12.54
CA GLY A 173 -3.90 10.20 12.69
C GLY A 173 -5.20 9.55 12.35
N ARG A 174 -6.18 10.41 12.27
CA ARG A 174 -7.53 10.04 12.08
C ARG A 174 -7.79 9.33 10.74
N ALA A 175 -7.17 9.75 9.63
CA ALA A 175 -7.39 9.05 8.36
C ALA A 175 -7.03 7.55 8.58
N GLY A 176 -5.94 7.32 9.31
CA GLY A 176 -5.47 6.00 9.73
C GLY A 176 -6.42 5.14 10.55
N TYR A 177 -7.09 5.73 11.53
CA TYR A 177 -8.03 4.98 12.31
C TYR A 177 -9.26 4.72 11.41
N LEU A 178 -9.64 5.73 10.65
CA LEU A 178 -10.84 5.66 9.82
C LEU A 178 -10.64 4.60 8.72
N TRP A 179 -9.44 4.58 8.13
CA TRP A 179 -9.06 3.48 7.22
C TRP A 179 -9.36 2.05 7.81
N ALA A 180 -8.99 1.80 9.07
CA ALA A 180 -9.23 0.52 9.75
C ALA A 180 -10.68 0.18 9.85
N CYS A 181 -11.49 1.19 10.17
CA CYS A 181 -12.93 1.03 10.25
C CYS A 181 -13.42 0.59 8.87
N LEU A 182 -13.11 1.35 7.81
CA LEU A 182 -13.54 1.01 6.45
C LEU A 182 -13.11 -0.42 6.10
N PHE A 183 -11.88 -0.77 6.44
CA PHE A 183 -11.36 -2.08 6.19
C PHE A 183 -12.16 -3.17 6.92
N LEU A 184 -12.39 -2.96 8.21
CA LEU A 184 -13.17 -3.90 8.98
C LEU A 184 -14.57 -4.09 8.41
N ASN A 185 -15.24 -2.99 8.12
CA ASN A 185 -16.64 -3.05 7.62
C ASN A 185 -16.75 -3.72 6.22
N LYS A 186 -15.88 -3.34 5.32
CA LYS A 186 -15.85 -3.92 3.97
C LYS A 186 -15.70 -5.45 4.04
N HIS A 187 -14.72 -5.92 4.79
CA HIS A 187 -14.42 -7.32 4.93
C HIS A 187 -15.47 -8.15 5.62
N ILE A 188 -15.99 -7.67 6.76
CA ILE A 188 -17.06 -8.40 7.43
C ILE A 188 -18.34 -8.28 6.61
N GLY A 189 -18.49 -7.19 5.85
CA GLY A 189 -19.73 -6.90 5.09
C GLY A 189 -20.88 -6.55 6.04
N GLN A 190 -20.52 -5.88 7.13
CA GLN A 190 -21.46 -5.48 8.16
C GLN A 190 -21.00 -4.13 8.74
N GLU A 191 -21.96 -3.44 9.36
CA GLU A 191 -21.71 -2.19 10.09
C GLU A 191 -21.12 -2.61 11.45
N SER A 192 -19.91 -3.14 11.43
CA SER A 192 -19.27 -3.68 12.61
C SER A 192 -18.90 -2.49 13.50
N ILE A 193 -18.21 -1.53 12.89
CA ILE A 193 -17.95 -0.22 13.45
C ILE A 193 -19.09 0.72 13.02
N SER A 194 -19.44 1.62 13.95
CA SER A 194 -20.69 2.35 13.81
C SER A 194 -20.53 3.38 12.74
N SER A 195 -21.50 3.48 11.83
CA SER A 195 -21.43 4.51 10.80
CA SER A 195 -21.49 4.53 10.78
C SER A 195 -21.41 5.95 11.40
N GLU A 196 -22.15 6.19 12.48
CA GLU A 196 -22.06 7.54 13.21
C GLU A 196 -20.68 7.89 13.73
N ARG A 197 -19.98 6.88 14.23
CA ARG A 197 -18.60 7.03 14.67
C ARG A 197 -17.67 7.38 13.50
N MET A 198 -17.85 6.70 12.36
CA MET A 198 -16.97 6.93 11.19
C MET A 198 -17.30 8.29 10.58
N ARG A 199 -18.58 8.58 10.42
CA ARG A 199 -19.01 9.91 9.94
C ARG A 199 -18.45 11.06 10.83
N SER A 200 -18.42 10.84 12.14
CA SER A 200 -17.93 11.89 13.02
C SER A 200 -16.47 12.15 12.78
N VAL A 201 -15.71 11.09 12.48
CA VAL A 201 -14.25 11.28 12.22
C VAL A 201 -14.06 12.03 10.90
N VAL A 202 -14.93 11.73 9.94
CA VAL A 202 -14.94 12.43 8.66
C VAL A 202 -15.19 13.96 8.86
N GLU A 203 -16.21 14.30 9.64
CA GLU A 203 -16.55 15.72 9.85
C GLU A 203 -15.41 16.45 10.56
N GLU A 204 -14.76 15.80 11.50
CA GLU A 204 -13.58 16.41 12.11
C GLU A 204 -12.48 16.57 11.13
N ILE A 205 -12.38 15.64 10.19
CA ILE A 205 -11.37 15.78 9.15
C ILE A 205 -11.69 17.01 8.26
N PHE A 206 -12.94 17.18 7.82
CA PHE A 206 -13.27 18.33 6.95
C PHE A 206 -13.17 19.65 7.72
N ARG A 207 -13.72 19.66 8.94
CA ARG A 207 -13.58 20.82 9.84
C ARG A 207 -12.13 21.33 9.95
N ALA A 208 -11.18 20.48 10.38
CA ALA A 208 -9.79 20.95 10.48
C ALA A 208 -9.14 21.31 9.13
N GLY A 209 -9.46 20.52 8.10
CA GLY A 209 -8.89 20.77 6.80
C GLY A 209 -9.36 22.12 6.29
N ARG A 210 -10.67 22.39 6.39
CA ARG A 210 -11.29 23.63 5.96
C ARG A 210 -10.78 24.83 6.76
N GLN A 211 -10.62 24.68 8.07
CA GLN A 211 -10.07 25.74 8.92
C GLN A 211 -8.64 26.12 8.51
N LEU A 212 -7.77 25.13 8.34
CA LEU A 212 -6.38 25.48 8.00
C LEU A 212 -6.18 25.78 6.49
N GLY A 213 -7.19 25.46 5.67
CA GLY A 213 -7.09 25.64 4.22
C GLY A 213 -7.87 26.85 3.71
N ASN A 214 -7.57 27.24 2.47
CA ASN A 214 -8.20 28.39 1.80
C ASN A 214 -8.91 27.97 0.53
N LYS A 215 -10.22 28.23 0.50
CA LYS A 215 -11.09 27.96 -0.66
C LYS A 215 -10.43 28.48 -1.95
N GLY A 216 -9.63 29.54 -1.84
CA GLY A 216 -8.88 30.09 -2.97
C GLY A 216 -7.81 29.20 -3.61
N THR A 217 -7.07 28.49 -2.76
CA THR A 217 -5.97 27.65 -3.24
C THR A 217 -6.26 26.17 -2.99
N CYS A 218 -5.76 25.66 -1.87
CA CYS A 218 -5.97 24.26 -1.52
C CYS A 218 -7.08 24.23 -0.51
N PRO A 219 -8.28 23.77 -0.91
CA PRO A 219 -9.41 23.88 0.01
C PRO A 219 -9.28 23.12 1.32
N LEU A 220 -8.39 22.11 1.37
CA LEU A 220 -8.21 21.28 2.59
C LEU A 220 -6.73 21.26 2.88
N MET A 221 -6.35 21.49 4.16
CA MET A 221 -4.96 21.48 4.55
C MET A 221 -4.67 20.87 5.95
N TYR A 222 -3.51 20.24 6.07
CA TYR A 222 -3.17 19.52 7.28
C TYR A 222 -1.70 19.66 7.52
N GLU A 223 -1.32 19.32 8.73
CA GLU A 223 0.04 19.41 9.14
C GLU A 223 0.32 18.21 9.98
N TRP A 224 1.50 17.66 9.80
CA TRP A 224 1.97 16.65 10.72
C TRP A 224 3.39 17.01 11.06
N HIS A 225 3.76 16.98 12.34
CA HIS A 225 5.11 17.45 12.75
C HIS A 225 5.35 18.90 12.26
N GLY A 226 4.31 19.72 12.36
CA GLY A 226 4.32 21.07 11.78
C GLY A 226 4.57 21.22 10.28
N LYS A 227 4.74 20.09 9.57
CA LYS A 227 4.88 20.06 8.08
C LYS A 227 3.60 19.85 7.24
N ARG A 228 3.53 20.55 6.11
CA ARG A 228 2.40 20.45 5.20
C ARG A 228 2.68 19.40 4.08
N TYR A 229 2.68 18.12 4.47
CA TYR A 229 3.02 17.00 3.57
C TYR A 229 1.93 16.75 2.53
N TRP A 230 2.36 16.38 1.33
CA TRP A 230 1.41 16.04 0.26
C TRP A 230 1.10 14.55 0.16
N GLY A 231 2.00 13.71 0.65
CA GLY A 231 1.96 12.28 0.33
C GLY A 231 0.93 11.35 1.00
N ALA A 232 1.12 10.05 0.73
CA ALA A 232 0.17 9.03 1.18
C ALA A 232 0.32 8.79 2.71
N ALA A 233 1.53 8.62 3.19
CA ALA A 233 1.77 8.22 4.54
C ALA A 233 1.41 9.36 5.54
N HIS A 234 1.85 10.61 5.30
CA HIS A 234 1.60 11.66 6.25
C HIS A 234 0.93 12.92 5.70
N GLY A 235 0.49 12.87 4.43
CA GLY A 235 0.04 14.06 3.74
C GLY A 235 -1.36 14.07 3.21
N LEU A 236 -1.59 14.97 2.26
CA LEU A 236 -2.90 15.20 1.67
C LEU A 236 -3.46 13.95 0.93
N ALA A 237 -2.61 13.30 0.15
CA ALA A 237 -3.01 12.13 -0.65
C ALA A 237 -3.70 11.07 0.18
N GLY A 238 -3.05 10.66 1.29
CA GLY A 238 -3.55 9.61 2.18
C GLY A 238 -4.85 9.96 2.82
N ILE A 239 -4.99 11.23 3.18
CA ILE A 239 -6.26 11.72 3.72
C ILE A 239 -7.37 11.74 2.69
N MET A 240 -7.13 12.32 1.52
CA MET A 240 -8.14 12.34 0.45
C MET A 240 -8.56 10.91 0.08
N ASN A 241 -7.54 10.06 -0.03
CA ASN A 241 -7.73 8.64 -0.36
C ASN A 241 -8.74 8.05 0.58
N VAL A 242 -8.49 8.16 1.88
CA VAL A 242 -9.46 7.61 2.85
C VAL A 242 -10.85 8.24 2.68
N LEU A 243 -10.88 9.56 2.43
CA LEU A 243 -12.15 10.22 2.34
C LEU A 243 -12.93 9.69 1.17
N MET A 244 -12.25 9.38 0.06
CA MET A 244 -12.99 8.89 -1.11
C MET A 244 -13.64 7.56 -0.87
N HIS A 245 -13.25 6.89 0.20
CA HIS A 245 -13.79 5.58 0.48
C HIS A 245 -15.05 5.61 1.31
N THR A 246 -15.57 6.82 1.61
CA THR A 246 -16.77 7.02 2.47
C THR A 246 -17.83 7.82 1.71
N GLU A 247 -18.99 8.01 2.32
CA GLU A 247 -20.07 8.69 1.64
C GLU A 247 -19.90 10.18 1.85
N LEU A 248 -19.36 10.88 0.88
CA LEU A 248 -19.27 12.34 1.03
C LEU A 248 -20.56 13.03 0.62
N GLU A 249 -20.76 14.24 1.16
CA GLU A 249 -21.73 15.23 0.70
C GLU A 249 -21.15 15.99 -0.51
N PRO A 250 -22.01 16.66 -1.35
CA PRO A 250 -21.51 17.42 -2.52
C PRO A 250 -20.33 18.40 -2.23
N ASP A 251 -20.46 19.25 -1.24
CA ASP A 251 -19.38 20.22 -0.91
C ASP A 251 -18.10 19.55 -0.40
N GLU A 252 -18.22 18.41 0.28
CA GLU A 252 -17.06 17.58 0.64
C GLU A 252 -16.37 17.02 -0.63
N ILE A 253 -17.19 16.56 -1.57
CA ILE A 253 -16.71 16.05 -2.84
C ILE A 253 -15.94 17.16 -3.57
N LYS A 254 -16.56 18.33 -3.73
CA LYS A 254 -15.84 19.54 -4.25
C LYS A 254 -14.53 19.80 -3.53
N ASP A 255 -14.52 19.69 -2.21
CA ASP A 255 -13.29 20.02 -1.47
C ASP A 255 -12.17 18.97 -1.67
N VAL A 256 -12.57 17.70 -1.80
CA VAL A 256 -11.62 16.63 -2.07
C VAL A 256 -11.10 16.80 -3.49
N LYS A 257 -12.02 16.88 -4.47
CA LYS A 257 -11.64 17.18 -5.89
C LYS A 257 -10.70 18.38 -5.90
N GLY A 258 -11.09 19.42 -5.18
CA GLY A 258 -10.29 20.67 -5.14
C GLY A 258 -8.86 20.51 -4.71
N THR A 259 -8.67 19.82 -3.58
CA THR A 259 -7.32 19.55 -3.02
C THR A 259 -6.50 18.74 -4.00
N LEU A 260 -7.14 17.79 -4.67
CA LEU A 260 -6.43 16.97 -5.65
C LEU A 260 -6.05 17.76 -6.94
N SER A 261 -6.97 18.55 -7.49
CA SER A 261 -6.57 19.51 -8.55
C SER A 261 -5.42 20.38 -8.11
N TYR A 262 -5.55 21.01 -6.96
CA TYR A 262 -4.47 21.85 -6.47
C TYR A 262 -3.14 21.16 -6.64
N MET A 263 -3.02 19.93 -6.13
CA MET A 263 -1.80 19.12 -6.22
C MET A 263 -1.34 18.82 -7.66
N ILE A 264 -2.28 18.56 -8.55
CA ILE A 264 -1.94 18.29 -9.93
C ILE A 264 -1.28 19.54 -10.53
N GLN A 265 -2.00 20.67 -10.46
CA GLN A 265 -1.55 21.95 -11.06
C GLN A 265 -0.20 22.42 -10.50
N ASN A 266 0.27 21.80 -9.43
CA ASN A 266 1.37 22.36 -8.66
C ASN A 266 2.53 21.42 -8.42
N ARG A 267 2.57 20.37 -9.20
CA ARG A 267 3.64 19.37 -9.17
C ARG A 267 4.91 19.89 -9.85
N PHE A 268 6.01 19.15 -9.71
CA PHE A 268 7.25 19.52 -10.35
C PHE A 268 7.19 19.57 -11.91
N PRO A 269 8.07 20.38 -12.53
CA PRO A 269 8.23 20.29 -13.99
C PRO A 269 8.50 18.83 -14.47
N SER A 270 9.14 18.00 -13.67
CA SER A 270 9.32 16.56 -13.99
C SER A 270 8.04 15.70 -13.91
N GLY A 271 6.98 16.21 -13.27
CA GLY A 271 5.71 15.49 -13.11
C GLY A 271 5.63 14.77 -11.74
N ASN A 272 6.76 14.61 -11.05
CA ASN A 272 6.78 14.20 -9.66
C ASN A 272 6.08 15.21 -8.75
N TYR A 273 5.71 14.75 -7.55
CA TYR A 273 4.94 15.53 -6.56
C TYR A 273 5.85 15.93 -5.36
N LEU A 274 5.66 17.15 -4.89
CA LEU A 274 6.35 17.67 -3.71
C LEU A 274 6.15 16.78 -2.51
N SER A 275 7.18 16.55 -1.72
CA SER A 275 6.94 16.02 -0.39
C SER A 275 6.02 16.92 0.52
N SER A 276 6.23 18.24 0.52
CA SER A 276 5.51 19.15 1.48
C SER A 276 5.53 20.55 0.90
N GLU A 277 4.54 21.38 1.24
CA GLU A 277 4.34 22.75 0.73
C GLU A 277 5.60 23.59 0.66
N GLY A 278 5.72 24.32 -0.47
CA GLY A 278 6.98 24.88 -1.00
C GLY A 278 8.24 24.08 -0.67
N SER A 279 8.36 22.84 -1.16
CA SER A 279 9.67 22.16 -1.09
C SER A 279 10.40 22.37 -2.42
N LYS A 280 11.71 22.58 -2.36
CA LYS A 280 12.45 23.01 -3.54
C LYS A 280 13.21 21.85 -4.19
N SER A 281 12.92 20.64 -3.73
CA SER A 281 13.70 19.51 -4.13
C SER A 281 12.84 18.32 -4.60
N ASP A 282 13.11 17.95 -5.84
CA ASP A 282 12.46 16.85 -6.54
C ASP A 282 13.39 15.65 -6.37
N ARG A 283 13.15 14.85 -5.34
CA ARG A 283 14.03 13.73 -5.04
C ARG A 283 13.30 12.45 -4.69
N LEU A 284 12.22 12.55 -3.92
CA LEU A 284 11.53 11.34 -3.45
C LEU A 284 10.43 10.79 -4.38
N VAL A 285 10.55 9.51 -4.74
CA VAL A 285 9.53 8.84 -5.60
C VAL A 285 9.10 7.59 -4.85
N HIS A 286 8.29 7.76 -3.80
CA HIS A 286 8.00 6.67 -2.83
C HIS A 286 6.51 6.63 -2.72
N TRP A 287 5.99 5.50 -2.22
CA TRP A 287 4.64 5.47 -1.70
C TRP A 287 4.57 6.58 -0.64
N CYS A 288 5.53 6.62 0.30
CA CYS A 288 5.35 7.51 1.46
C CYS A 288 5.37 8.96 1.01
N HIS A 289 6.28 9.33 0.12
CA HIS A 289 6.34 10.69 -0.43
C HIS A 289 6.60 10.62 -1.94
N GLY A 290 5.87 11.39 -2.71
CA GLY A 290 6.16 11.45 -4.15
C GLY A 290 5.08 10.82 -5.01
N ALA A 291 5.39 10.70 -6.29
CA ALA A 291 4.49 10.16 -7.32
C ALA A 291 3.73 8.85 -6.99
N PRO A 292 4.38 7.83 -6.40
CA PRO A 292 3.72 6.52 -6.20
C PRO A 292 2.50 6.63 -5.32
N GLY A 293 2.64 7.25 -4.16
CA GLY A 293 1.48 7.32 -3.25
C GLY A 293 0.39 8.17 -3.85
N VAL A 294 0.80 9.23 -4.52
CA VAL A 294 -0.17 10.15 -5.08
C VAL A 294 -0.86 9.46 -6.26
N ALA A 295 -0.09 8.77 -7.10
CA ALA A 295 -0.73 8.03 -8.23
C ALA A 295 -1.86 7.10 -7.76
N LEU A 296 -1.60 6.34 -6.72
CA LEU A 296 -2.61 5.47 -6.12
C LEU A 296 -3.87 6.24 -5.72
N THR A 297 -3.69 7.47 -5.25
CA THR A 297 -4.83 8.29 -4.86
C THR A 297 -5.56 8.80 -6.08
N LEU A 298 -4.84 9.25 -7.09
CA LEU A 298 -5.52 9.71 -8.34
C LEU A 298 -6.24 8.53 -9.01
N VAL A 299 -5.67 7.33 -8.95
CA VAL A 299 -6.38 6.19 -9.53
C VAL A 299 -7.72 6.08 -8.90
N LYS A 300 -7.75 6.20 -7.57
CA LYS A 300 -9.03 6.15 -6.81
C LYS A 300 -9.93 7.35 -7.19
N ALA A 301 -9.37 8.53 -7.22
CA ALA A 301 -10.18 9.68 -7.71
C ALA A 301 -10.77 9.32 -9.08
N ALA A 302 -9.92 8.80 -9.96
CA ALA A 302 -10.38 8.47 -11.29
C ALA A 302 -11.55 7.52 -11.29
N GLN A 303 -11.50 6.47 -10.45
CA GLN A 303 -12.60 5.47 -10.39
C GLN A 303 -13.90 6.03 -9.85
N VAL A 304 -13.80 6.95 -8.90
CA VAL A 304 -14.99 7.46 -8.21
C VAL A 304 -15.61 8.59 -9.01
N TYR A 305 -14.75 9.45 -9.54
CA TYR A 305 -15.21 10.72 -10.16
C TYR A 305 -15.33 10.66 -11.67
N ASN A 306 -14.53 9.81 -12.28
CA ASN A 306 -14.46 9.67 -13.74
C ASN A 306 -14.19 10.96 -14.47
N THR A 307 -13.02 11.51 -14.23
CA THR A 307 -12.71 12.81 -14.76
C THR A 307 -11.50 12.60 -15.61
N LYS A 308 -11.44 13.29 -16.74
CA LYS A 308 -10.29 13.27 -17.61
C LYS A 308 -9.07 13.69 -16.83
N GLU A 309 -9.22 14.78 -16.08
CA GLU A 309 -8.11 15.36 -15.33
C GLU A 309 -7.38 14.30 -14.47
N PHE A 310 -8.16 13.40 -13.86
CA PHE A 310 -7.68 12.47 -12.84
C PHE A 310 -7.08 11.28 -13.54
N VAL A 311 -7.83 10.65 -14.45
CA VAL A 311 -7.33 9.60 -15.33
C VAL A 311 -5.93 9.95 -15.88
N GLU A 312 -5.82 11.12 -16.50
CA GLU A 312 -4.60 11.46 -17.19
C GLU A 312 -3.49 11.75 -16.22
N ALA A 313 -3.86 12.40 -15.11
CA ALA A 313 -2.90 12.72 -14.07
C ALA A 313 -2.33 11.43 -13.43
N ALA A 314 -3.21 10.45 -13.21
CA ALA A 314 -2.81 9.12 -12.72
C ALA A 314 -1.81 8.47 -13.68
N MET A 315 -2.11 8.55 -14.99
CA MET A 315 -1.25 7.95 -16.00
C MET A 315 0.06 8.66 -16.00
N GLU A 316 0.03 9.97 -15.82
CA GLU A 316 1.27 10.74 -15.85
C GLU A 316 2.16 10.48 -14.66
N ALA A 317 1.53 10.31 -13.50
CA ALA A 317 2.23 9.91 -12.29
C ALA A 317 2.87 8.51 -12.50
N GLY A 318 2.17 7.62 -13.20
CA GLY A 318 2.71 6.33 -13.60
C GLY A 318 3.97 6.38 -14.45
N GLU A 319 4.11 7.41 -15.29
CA GLU A 319 5.36 7.58 -16.10
C GLU A 319 6.53 7.97 -15.23
N VAL A 320 6.32 8.79 -14.23
CA VAL A 320 7.40 9.13 -13.30
C VAL A 320 7.89 7.90 -12.53
N VAL A 321 6.94 7.10 -12.05
CA VAL A 321 7.29 5.78 -11.46
C VAL A 321 8.02 4.87 -12.48
N TRP A 322 7.52 4.83 -13.71
CA TRP A 322 8.18 3.97 -14.68
C TRP A 322 9.63 4.38 -14.91
N SER A 323 9.94 5.67 -14.95
CA SER A 323 11.35 6.01 -15.18
C SER A 323 12.19 6.16 -13.94
N ARG A 324 11.60 6.59 -12.83
CA ARG A 324 12.44 6.83 -11.64
C ARG A 324 12.06 5.92 -10.45
N GLY A 325 11.12 4.99 -10.66
CA GLY A 325 10.46 4.32 -9.56
C GLY A 325 11.14 3.05 -9.15
N LEU A 326 12.14 2.68 -9.91
CA LEU A 326 12.94 1.50 -9.61
C LEU A 326 14.05 1.79 -8.55
N LEU A 327 13.58 2.13 -7.35
CA LEU A 327 14.35 2.54 -6.19
C LEU A 327 15.42 1.53 -5.81
N LYS A 328 16.50 1.99 -5.19
CA LYS A 328 17.53 1.10 -4.66
C LYS A 328 17.18 0.54 -3.27
N ARG A 329 15.88 0.31 -3.05
CA ARG A 329 15.36 -0.27 -1.81
C ARG A 329 14.26 -1.23 -2.18
N VAL A 330 14.11 -2.28 -1.39
CA VAL A 330 13.35 -3.44 -1.77
C VAL A 330 11.84 -3.27 -1.48
N GLY A 331 11.48 -2.41 -0.51
CA GLY A 331 10.25 -2.54 0.25
C GLY A 331 8.99 -1.87 -0.25
N ILE A 332 7.99 -1.82 0.62
CA ILE A 332 6.68 -1.31 0.34
C ILE A 332 6.58 0.20 0.51
N CYS A 333 6.98 0.71 1.67
CA CYS A 333 6.92 2.14 1.95
C CYS A 333 7.61 2.93 0.84
N HIS A 334 8.92 2.77 0.73
CA HIS A 334 9.70 3.47 -0.29
C HIS A 334 10.66 2.51 -1.00
N GLY A 335 10.12 1.68 -1.87
CA GLY A 335 10.93 0.73 -2.61
C GLY A 335 10.23 0.21 -3.86
N ILE A 336 10.78 -0.86 -4.44
CA ILE A 336 10.21 -1.45 -5.63
C ILE A 336 8.94 -2.25 -5.36
N SER A 337 8.90 -3.12 -4.35
CA SER A 337 7.64 -3.87 -4.11
CA SER A 337 7.64 -3.85 -4.12
C SER A 337 6.46 -2.87 -4.03
N GLY A 338 6.69 -1.69 -3.41
CA GLY A 338 5.58 -0.75 -3.18
C GLY A 338 5.26 -0.02 -4.46
N ASN A 339 6.29 0.42 -5.19
CA ASN A 339 6.03 1.09 -6.49
C ASN A 339 5.36 0.18 -7.58
N THR A 340 5.56 -1.14 -7.48
CA THR A 340 4.83 -2.05 -8.34
C THR A 340 3.32 -1.82 -8.35
N TYR A 341 2.77 -1.50 -7.18
CA TYR A 341 1.32 -1.30 -7.02
C TYR A 341 0.84 -0.15 -7.83
N VAL A 342 1.71 0.79 -8.10
CA VAL A 342 1.27 1.84 -9.04
C VAL A 342 0.79 1.22 -10.38
N PHE A 343 1.61 0.34 -10.96
CA PHE A 343 1.19 -0.28 -12.23
C PHE A 343 -0.01 -1.17 -12.14
N LEU A 344 -0.08 -1.99 -11.10
CA LEU A 344 -1.27 -2.75 -10.75
C LEU A 344 -2.47 -1.86 -10.59
N SER A 345 -2.30 -0.70 -10.02
CA SER A 345 -3.46 0.16 -9.84
C SER A 345 -3.96 0.71 -11.18
N LEU A 346 -3.03 1.01 -12.08
CA LEU A 346 -3.35 1.63 -13.38
C LEU A 346 -4.01 0.53 -14.27
N TYR A 347 -3.51 -0.67 -14.08
CA TYR A 347 -4.06 -1.85 -14.74
C TYR A 347 -5.45 -2.15 -14.27
N ARG A 348 -5.69 -2.16 -12.96
CA ARG A 348 -7.06 -2.29 -12.49
C ARG A 348 -7.97 -1.23 -13.11
N LEU A 349 -7.51 0.00 -13.21
CA LEU A 349 -8.35 1.09 -13.68
C LEU A 349 -8.58 1.04 -15.23
N THR A 350 -7.54 0.72 -16.05
CA THR A 350 -7.63 0.84 -17.51
C THR A 350 -7.86 -0.49 -18.26
N ARG A 351 -7.54 -1.60 -17.57
CA ARG A 351 -7.41 -2.90 -18.18
C ARG A 351 -6.38 -2.98 -19.35
N ASN A 352 -5.44 -2.03 -19.37
CA ASN A 352 -4.48 -1.92 -20.43
C ASN A 352 -3.26 -2.78 -20.05
N PRO A 353 -2.94 -3.86 -20.86
CA PRO A 353 -1.94 -4.85 -20.40
C PRO A 353 -0.57 -4.27 -20.32
N LYS A 354 -0.35 -3.09 -20.90
CA LYS A 354 0.91 -2.34 -20.71
C LYS A 354 1.26 -2.13 -19.19
N TYR A 355 0.22 -1.78 -18.42
CA TYR A 355 0.33 -1.54 -16.98
C TYR A 355 0.62 -2.83 -16.24
N LEU A 356 -0.05 -3.93 -16.56
CA LEU A 356 0.35 -5.28 -16.04
C LEU A 356 1.79 -5.64 -16.36
N TYR A 357 2.12 -5.38 -17.61
CA TYR A 357 3.48 -5.60 -18.02
C TYR A 357 4.48 -4.80 -17.17
N ARG A 358 4.14 -3.55 -16.88
CA ARG A 358 5.01 -2.74 -16.06
C ARG A 358 5.16 -3.27 -14.63
N ALA A 359 4.09 -3.81 -14.07
CA ALA A 359 4.13 -4.40 -12.73
C ALA A 359 4.95 -5.68 -12.87
N LYS A 360 4.74 -6.39 -13.95
CA LYS A 360 5.51 -7.60 -14.19
C LYS A 360 7.01 -7.32 -14.29
N ALA A 361 7.37 -6.23 -14.95
CA ALA A 361 8.79 -5.88 -15.06
C ALA A 361 9.37 -5.54 -13.68
N PHE A 362 8.62 -4.81 -12.85
CA PHE A 362 9.23 -4.44 -11.55
C PHE A 362 9.35 -5.71 -10.70
N ALA A 363 8.35 -6.56 -10.73
CA ALA A 363 8.41 -7.80 -10.01
C ALA A 363 9.52 -8.74 -10.51
N SER A 364 9.68 -8.82 -11.84
CA SER A 364 10.81 -9.59 -12.40
C SER A 364 12.12 -9.04 -12.01
N PHE A 365 12.26 -7.71 -12.01
CA PHE A 365 13.51 -7.09 -11.55
C PHE A 365 13.85 -7.57 -10.14
N LEU A 366 12.89 -7.41 -9.21
CA LEU A 366 13.08 -7.91 -7.86
C LEU A 366 13.39 -9.39 -7.77
N LEU A 367 12.65 -10.23 -8.45
CA LEU A 367 12.99 -11.65 -8.33
C LEU A 367 14.38 -11.97 -8.89
N ASP A 368 14.73 -11.33 -10.00
CA ASP A 368 15.99 -11.69 -10.69
C ASP A 368 17.22 -11.14 -9.94
N LYS A 369 17.07 -9.95 -9.37
CA LYS A 369 18.22 -9.17 -8.96
C LYS A 369 18.33 -8.93 -7.46
N SER A 370 17.21 -8.99 -6.73
CA SER A 370 17.16 -8.38 -5.38
C SER A 370 18.12 -9.03 -4.35
N GLU A 371 18.15 -10.34 -4.28
CA GLU A 371 19.02 -11.03 -3.34
C GLU A 371 20.49 -10.61 -3.56
N LYS A 372 20.95 -10.63 -4.82
CA LYS A 372 22.29 -10.24 -5.11
C LYS A 372 22.50 -8.76 -4.78
N LEU A 373 21.56 -7.91 -5.13
CA LEU A 373 21.71 -6.49 -4.94
C LEU A 373 21.77 -6.11 -3.46
N ILE A 374 20.96 -6.79 -2.65
CA ILE A 374 20.87 -6.52 -1.21
C ILE A 374 22.15 -7.03 -0.52
N SER A 375 22.57 -8.24 -0.87
CA SER A 375 23.69 -8.82 -0.16
C SER A 375 25.05 -8.17 -0.51
N GLU A 376 25.11 -7.32 -1.54
CA GLU A 376 26.32 -6.52 -1.71
C GLU A 376 26.08 -5.02 -1.57
N GLY A 377 24.98 -4.65 -0.90
CA GLY A 377 24.71 -3.26 -0.50
C GLY A 377 24.38 -2.24 -1.58
N GLN A 378 24.07 -2.68 -2.81
CA GLN A 378 23.54 -1.76 -3.85
C GLN A 378 22.02 -1.55 -3.70
N MET A 379 21.35 -2.46 -3.02
CA MET A 379 19.94 -2.30 -2.65
C MET A 379 19.81 -2.39 -1.12
N HIS A 380 19.14 -1.41 -0.57
CA HIS A 380 18.94 -1.35 0.83
C HIS A 380 17.79 -2.35 1.16
N GLY A 381 17.99 -3.20 2.15
CA GLY A 381 16.99 -4.22 2.43
C GLY A 381 15.97 -3.89 3.51
N GLY A 382 15.84 -2.62 3.87
CA GLY A 382 15.04 -2.20 5.05
C GLY A 382 15.81 -2.23 6.41
N ASP A 383 15.50 -1.28 7.31
CA ASP A 383 16.11 -1.34 8.66
C ASP A 383 15.59 -2.54 9.44
N ARG A 384 14.30 -2.87 9.25
CA ARG A 384 13.83 -4.16 9.73
C ARG A 384 13.64 -5.08 8.50
N PRO A 385 14.65 -5.94 8.25
CA PRO A 385 14.74 -6.60 6.94
C PRO A 385 13.60 -7.59 6.66
N PHE A 386 12.84 -7.95 7.69
CA PHE A 386 11.74 -8.86 7.50
C PHE A 386 10.39 -8.25 7.80
N SER A 387 10.33 -6.92 7.91
CA SER A 387 9.05 -6.29 8.10
C SER A 387 8.19 -6.22 6.82
N LEU A 388 6.91 -5.96 7.02
CA LEU A 388 6.01 -5.72 5.95
C LEU A 388 6.38 -4.41 5.19
N PHE A 389 6.55 -3.28 5.89
CA PHE A 389 6.74 -2.00 5.18
C PHE A 389 8.15 -1.63 4.76
N GLU A 390 9.15 -2.35 5.22
CA GLU A 390 10.53 -1.96 4.94
C GLU A 390 11.29 -3.11 4.37
N GLY A 391 11.01 -4.31 4.88
CA GLY A 391 11.78 -5.48 4.48
C GLY A 391 11.12 -6.39 3.44
N ILE A 392 11.53 -7.67 3.45
CA ILE A 392 11.15 -8.55 2.39
C ILE A 392 9.76 -9.09 2.62
N GLY A 393 9.25 -8.92 3.82
CA GLY A 393 7.82 -9.23 4.09
C GLY A 393 6.92 -8.61 3.00
N GLY A 394 7.22 -7.38 2.60
CA GLY A 394 6.35 -6.61 1.67
C GLY A 394 6.53 -7.04 0.21
N MET A 395 7.72 -7.53 -0.07
CA MET A 395 8.05 -8.16 -1.39
C MET A 395 7.29 -9.41 -1.52
N ALA A 396 7.29 -10.27 -0.48
CA ALA A 396 6.40 -11.47 -0.56
C ALA A 396 4.93 -11.11 -0.73
N TYR A 397 4.52 -10.03 -0.08
CA TYR A 397 3.14 -9.63 -0.09
C TYR A 397 2.76 -9.22 -1.53
N MET A 398 3.64 -8.46 -2.15
CA MET A 398 3.42 -7.95 -3.49
C MET A 398 3.41 -9.16 -4.46
N LEU A 399 4.33 -10.08 -4.23
CA LEU A 399 4.46 -11.26 -5.11
C LEU A 399 3.19 -12.09 -5.10
N LEU A 400 2.70 -12.34 -3.88
CA LEU A 400 1.44 -13.05 -3.72
C LEU A 400 0.30 -12.34 -4.44
N ASP A 401 0.30 -11.01 -4.38
CA ASP A 401 -0.83 -10.22 -4.93
C ASP A 401 -0.76 -10.25 -6.52
N MET A 402 0.43 -10.52 -7.09
CA MET A 402 0.55 -10.73 -8.57
C MET A 402 -0.19 -11.98 -9.06
N ASN A 403 -0.48 -12.91 -8.19
CA ASN A 403 -1.22 -14.06 -8.59
C ASN A 403 -2.58 -13.67 -9.20
N ASP A 404 -3.19 -12.56 -8.72
CA ASP A 404 -4.50 -12.18 -9.22
C ASP A 404 -4.50 -10.64 -9.33
N PRO A 405 -3.81 -10.14 -10.33
CA PRO A 405 -3.33 -8.75 -10.33
C PRO A 405 -4.45 -7.70 -10.34
N THR A 406 -5.63 -8.07 -10.84
CA THR A 406 -6.80 -7.16 -10.78
C THR A 406 -7.48 -7.07 -9.38
N GLN A 407 -7.13 -7.99 -8.48
CA GLN A 407 -7.62 -7.99 -7.12
C GLN A 407 -6.54 -7.37 -6.16
N ALA A 408 -5.35 -7.06 -6.66
CA ALA A 408 -4.23 -6.56 -5.86
C ALA A 408 -4.46 -5.17 -5.33
N LEU A 409 -4.35 -5.03 -4.00
CA LEU A 409 -4.50 -3.76 -3.24
C LEU A 409 -3.26 -3.39 -2.40
N PHE A 410 -2.67 -2.18 -2.58
CA PHE A 410 -1.53 -1.77 -1.73
C PHE A 410 -1.93 -1.92 -0.23
N PRO A 411 -1.16 -2.72 0.55
CA PRO A 411 -1.57 -3.08 1.94
C PRO A 411 -1.71 -1.81 2.82
N GLY A 412 -2.84 -1.66 3.49
CA GLY A 412 -3.00 -0.49 4.35
C GLY A 412 -3.23 0.80 3.58
N TYR A 413 -3.43 0.71 2.26
CA TYR A 413 -3.70 1.91 1.47
C TYR A 413 -4.95 1.79 0.59
N GLU A 414 -4.93 0.84 -0.32
CA GLU A 414 -6.09 0.62 -1.18
C GLU A 414 -7.14 -0.30 -0.58
N LEU A 415 -8.35 0.06 -0.80
CA LEU A 415 -9.45 -0.72 -0.40
C LEU A 415 -10.18 -1.06 -1.70
#